data_6QAX
#
_entry.id   6QAX
#
_entity_poly.entity_id   1
_entity_poly.type   'polypeptide(L)'
_entity_poly.pdbx_seq_one_letter_code
;LGQQQPFPPQQPY
;
_entity_poly.pdbx_strand_id   A
#
# COMPACT_ATOMS: atom_id res chain seq x y z
N LEU A 1 7.72 9.76 -9.44
CA LEU A 1 8.60 8.84 -8.74
C LEU A 1 9.03 9.41 -7.39
N GLY A 2 8.34 9.00 -6.33
CA GLY A 2 8.67 9.48 -5.01
C GLY A 2 7.61 9.11 -3.98
N GLN A 3 6.54 9.88 -3.93
CA GLN A 3 5.46 9.62 -2.99
C GLN A 3 5.15 8.14 -2.89
N GLN A 4 5.32 7.58 -1.70
CA GLN A 4 5.06 6.16 -1.47
C GLN A 4 3.68 5.77 -1.98
N GLN A 5 3.53 4.50 -2.34
CA GLN A 5 2.25 4.00 -2.84
C GLN A 5 1.39 3.48 -1.69
N PRO A 6 0.08 3.81 -1.75
CA PRO A 6 -0.88 3.39 -0.72
C PRO A 6 -1.15 1.89 -0.76
N PHE A 7 -0.74 1.19 0.29
CA PHE A 7 -0.95 -0.25 0.37
C PHE A 7 -2.40 -0.61 0.04
N PRO A 8 -2.61 -1.87 -0.39
CA PRO A 8 -3.93 -2.37 -0.75
C PRO A 8 -4.85 -2.52 0.46
N PRO A 9 -6.15 -2.73 0.20
CA PRO A 9 -7.15 -2.89 1.26
C PRO A 9 -6.99 -4.21 2.01
N GLN A 10 -7.10 -4.15 3.33
CA GLN A 10 -6.96 -5.34 4.16
C GLN A 10 -5.59 -5.97 3.99
N GLN A 11 -4.68 -5.68 4.91
CA GLN A 11 -3.33 -6.22 4.86
C GLN A 11 -3.36 -7.74 4.72
N PRO A 12 -2.28 -8.29 4.12
CA PRO A 12 -2.17 -9.74 3.91
C PRO A 12 -1.95 -10.50 5.21
N TYR A 13 -2.97 -11.23 5.63
CA TYR A 13 -2.89 -12.01 6.87
C TYR A 13 -1.60 -12.82 6.93
N LEU A 1 12.12 7.84 -4.13
CA LEU A 1 11.72 7.83 -5.53
C LEU A 1 10.51 6.94 -5.75
N GLY A 2 9.41 7.54 -6.22
CA GLY A 2 8.20 6.79 -6.46
C GLY A 2 7.13 7.06 -5.41
N GLN A 3 6.27 8.02 -5.68
CA GLN A 3 5.20 8.38 -4.74
C GLN A 3 4.57 7.12 -4.13
N GLN A 4 4.77 6.94 -2.83
CA GLN A 4 4.22 5.78 -2.14
C GLN A 4 2.73 5.64 -2.41
N GLN A 5 2.33 4.44 -2.84
CA GLN A 5 0.92 4.18 -3.14
C GLN A 5 0.19 3.64 -1.91
N PRO A 6 -1.03 4.15 -1.68
CA PRO A 6 -1.85 3.73 -0.55
C PRO A 6 -2.35 2.29 -0.68
N PHE A 7 -1.72 1.38 0.05
CA PHE A 7 -2.09 -0.03 0.00
C PHE A 7 -3.60 -0.19 0.19
N PRO A 8 -4.14 -1.32 -0.29
CA PRO A 8 -5.56 -1.63 -0.19
C PRO A 8 -6.01 -1.90 1.24
N PRO A 9 -7.32 -1.94 1.47
CA PRO A 9 -7.91 -2.19 2.79
C PRO A 9 -7.69 -3.64 3.24
N GLN A 10 -7.71 -3.84 4.56
CA GLN A 10 -7.52 -5.18 5.12
C GLN A 10 -6.14 -5.72 4.77
N GLN A 11 -5.22 -5.63 5.72
CA GLN A 11 -3.85 -6.11 5.51
C GLN A 11 -3.86 -7.56 5.02
N PRO A 12 -2.78 -7.94 4.34
CA PRO A 12 -2.63 -9.30 3.80
C PRO A 12 -2.44 -10.35 4.89
N TYR A 13 -3.11 -11.48 4.75
CA TYR A 13 -3.00 -12.57 5.73
C TYR A 13 -3.19 -12.03 7.14
N LEU A 1 9.19 7.10 -8.96
CA LEU A 1 8.13 7.55 -8.07
C LEU A 1 8.62 7.56 -6.61
N GLY A 2 9.03 8.75 -6.14
CA GLY A 2 9.50 8.87 -4.78
C GLY A 2 8.38 8.77 -3.77
N GLN A 3 7.31 9.52 -3.99
CA GLN A 3 6.17 9.50 -3.09
C GLN A 3 5.86 8.09 -2.61
N GLN A 4 5.95 7.86 -1.31
CA GLN A 4 5.69 6.56 -0.73
C GLN A 4 4.33 6.03 -1.19
N GLN A 5 4.32 4.77 -1.64
CA GLN A 5 3.09 4.15 -2.12
C GLN A 5 2.21 3.72 -0.94
N PRO A 6 0.90 3.97 -1.07
CA PRO A 6 -0.08 3.62 -0.03
C PRO A 6 -0.27 2.11 0.10
N PHE A 7 -0.42 1.65 1.34
CA PHE A 7 -0.62 0.22 1.59
C PHE A 7 -1.70 -0.34 0.69
N PRO A 8 -1.66 -1.67 0.48
CA PRO A 8 -2.63 -2.37 -0.36
C PRO A 8 -4.02 -2.42 0.27
N PRO A 9 -5.03 -2.81 -0.53
CA PRO A 9 -6.41 -2.90 -0.07
C PRO A 9 -6.62 -4.05 0.92
N GLN A 10 -6.53 -3.75 2.21
CA GLN A 10 -6.70 -4.76 3.24
C GLN A 10 -5.66 -5.86 3.12
N GLN A 11 -4.60 -5.74 3.92
CA GLN A 11 -3.53 -6.73 3.90
C GLN A 11 -4.07 -8.14 4.05
N PRO A 12 -3.31 -9.14 3.57
CA PRO A 12 -3.70 -10.54 3.66
C PRO A 12 -3.66 -11.08 5.08
N TYR A 13 -4.54 -12.03 5.38
CA TYR A 13 -4.60 -12.62 6.71
C TYR A 13 -4.60 -11.53 7.78
N LEU A 1 13.50 7.73 -6.39
CA LEU A 1 12.21 8.39 -6.41
C LEU A 1 11.09 7.41 -6.72
N GLY A 2 9.99 7.49 -5.96
CA GLY A 2 8.88 6.60 -6.17
C GLY A 2 7.80 6.76 -5.13
N GLN A 3 6.93 7.75 -5.32
CA GLN A 3 5.85 8.01 -4.38
C GLN A 3 5.22 6.71 -3.90
N GLN A 4 5.42 6.40 -2.62
CA GLN A 4 4.87 5.18 -2.04
C GLN A 4 3.38 5.07 -2.30
N GLN A 5 2.96 3.95 -2.88
CA GLN A 5 1.55 3.72 -3.19
C GLN A 5 0.80 3.21 -1.97
N PRO A 6 -0.41 3.75 -1.75
CA PRO A 6 -1.25 3.36 -0.61
C PRO A 6 -1.79 1.94 -0.75
N PHE A 7 -1.28 1.03 0.06
CA PHE A 7 -1.72 -0.37 0.03
C PHE A 7 -3.24 -0.46 0.04
N PRO A 8 -3.76 -1.59 -0.45
CA PRO A 8 -5.21 -1.84 -0.50
C PRO A 8 -5.81 -2.04 0.89
N PRO A 9 -7.14 -2.01 0.97
CA PRO A 9 -7.88 -2.20 2.22
C PRO A 9 -7.77 -3.63 2.75
N GLN A 10 -7.90 -3.79 4.06
CA GLN A 10 -7.82 -5.10 4.68
C GLN A 10 -6.44 -5.73 4.48
N GLN A 11 -5.58 -5.61 5.48
CA GLN A 11 -4.24 -6.16 5.40
C GLN A 11 -4.27 -7.62 5.00
N PRO A 12 -3.19 -8.09 4.36
CA PRO A 12 -3.06 -9.48 3.90
C PRO A 12 -2.94 -10.46 5.07
N TYR A 13 -3.60 -11.60 4.95
CA TYR A 13 -3.56 -12.62 5.99
C TYR A 13 -3.79 -12.01 7.37
N LEU A 1 10.48 6.32 -8.10
CA LEU A 1 9.26 6.82 -7.49
C LEU A 1 9.53 7.37 -6.09
N GLY A 2 8.91 8.50 -5.78
CA GLY A 2 9.10 9.12 -4.47
C GLY A 2 7.94 8.84 -3.53
N GLN A 3 6.86 9.59 -3.69
CA GLN A 3 5.68 9.42 -2.84
C GLN A 3 5.39 7.95 -2.59
N GLN A 4 5.41 7.54 -1.33
CA GLN A 4 5.15 6.15 -0.97
C GLN A 4 3.85 5.66 -1.60
N GLN A 5 3.89 4.45 -2.15
CA GLN A 5 2.72 3.86 -2.79
C GLN A 5 1.65 3.51 -1.76
N PRO A 6 0.39 3.81 -2.09
CA PRO A 6 -0.75 3.54 -1.21
C PRO A 6 -1.03 2.04 -1.07
N PHE A 7 -0.72 1.49 0.09
CA PHE A 7 -0.95 0.08 0.34
C PHE A 7 -2.37 -0.34 -0.06
N PRO A 8 -2.55 -1.64 -0.33
CA PRO A 8 -3.84 -2.19 -0.73
C PRO A 8 -4.86 -2.18 0.40
N PRO A 9 -6.14 -2.42 0.06
CA PRO A 9 -7.22 -2.44 1.04
C PRO A 9 -7.14 -3.65 1.97
N GLN A 10 -6.76 -3.41 3.22
CA GLN A 10 -6.64 -4.48 4.21
C GLN A 10 -5.58 -5.49 3.78
N GLN A 11 -4.39 -5.38 4.36
CA GLN A 11 -3.29 -6.28 4.04
C GLN A 11 -3.73 -7.74 4.18
N PRO A 12 -3.08 -8.63 3.42
CA PRO A 12 -3.39 -10.06 3.44
C PRO A 12 -2.97 -10.72 4.76
N TYR A 13 -3.85 -10.65 5.76
CA TYR A 13 -3.57 -11.23 7.07
C TYR A 13 -2.18 -10.84 7.55
N LEU A 1 13.62 8.00 -6.02
CA LEU A 1 12.31 8.61 -6.22
C LEU A 1 11.27 7.56 -6.61
N GLY A 2 10.04 7.74 -6.12
CA GLY A 2 8.98 6.80 -6.42
C GLY A 2 7.88 6.82 -5.38
N GLN A 3 7.00 7.81 -5.46
CA GLN A 3 5.91 7.94 -4.52
C GLN A 3 5.27 6.58 -4.22
N GLN A 4 5.42 6.13 -2.98
CA GLN A 4 4.87 4.85 -2.56
C GLN A 4 3.39 4.74 -2.94
N GLN A 5 2.91 3.51 -3.08
CA GLN A 5 1.52 3.28 -3.44
C GLN A 5 0.69 2.93 -2.20
N PRO A 6 -0.52 3.50 -2.11
CA PRO A 6 -1.43 3.27 -0.98
C PRO A 6 -1.99 1.85 -0.98
N PHE A 7 -1.45 0.99 -0.13
CA PHE A 7 -1.90 -0.39 -0.03
C PHE A 7 -3.42 -0.45 0.08
N PRO A 8 -3.99 -1.61 -0.30
CA PRO A 8 -5.43 -1.84 -0.26
C PRO A 8 -5.97 -1.92 1.17
N PRO A 9 -7.29 -1.87 1.32
CA PRO A 9 -7.96 -1.95 2.62
C PRO A 9 -7.85 -3.33 3.24
N GLN A 10 -7.63 -3.37 4.55
CA GLN A 10 -7.51 -4.63 5.28
C GLN A 10 -6.32 -5.44 4.77
N GLN A 11 -5.21 -5.37 5.49
CA GLN A 11 -4.00 -6.09 5.11
C GLN A 11 -4.30 -7.56 4.86
N PRO A 12 -3.49 -8.20 4.00
CA PRO A 12 -3.65 -9.62 3.67
C PRO A 12 -3.31 -10.53 4.84
N TYR A 13 -4.10 -11.57 5.03
CA TYR A 13 -3.89 -12.52 6.11
C TYR A 13 -3.64 -11.79 7.43
N LEU A 1 12.02 10.11 -5.61
CA LEU A 1 11.04 10.36 -6.66
C LEU A 1 10.08 9.19 -6.82
N GLY A 2 8.81 9.50 -7.06
CA GLY A 2 7.81 8.45 -7.23
C GLY A 2 6.98 8.24 -5.98
N GLN A 3 6.02 9.13 -5.76
CA GLN A 3 5.16 9.04 -4.58
C GLN A 3 4.75 7.59 -4.32
N GLN A 4 5.26 7.02 -3.25
CA GLN A 4 4.95 5.64 -2.88
C GLN A 4 3.43 5.41 -2.86
N GLN A 5 3.03 4.18 -3.14
CA GLN A 5 1.61 3.84 -3.17
C GLN A 5 1.20 3.17 -1.86
N PRO A 6 0.03 3.57 -1.33
CA PRO A 6 -0.51 3.01 -0.07
C PRO A 6 -0.94 1.57 -0.22
N PHE A 7 -0.63 0.75 0.79
CA PHE A 7 -1.00 -0.66 0.78
C PHE A 7 -2.46 -0.84 0.41
N PRO A 8 -2.80 -2.04 -0.09
CA PRO A 8 -4.17 -2.36 -0.50
C PRO A 8 -5.11 -2.48 0.68
N PRO A 9 -6.43 -2.53 0.40
CA PRO A 9 -7.46 -2.65 1.43
C PRO A 9 -7.46 -4.02 2.10
N GLN A 10 -7.70 -4.04 3.40
CA GLN A 10 -7.73 -5.29 4.16
C GLN A 10 -6.36 -5.98 4.13
N GLN A 11 -5.58 -5.79 5.18
CA GLN A 11 -4.25 -6.39 5.27
C GLN A 11 -4.32 -7.89 5.00
N PRO A 12 -3.21 -8.46 4.52
CA PRO A 12 -3.11 -9.88 4.20
C PRO A 12 -3.12 -10.75 5.46
N TYR A 13 -4.25 -11.37 5.74
CA TYR A 13 -4.38 -12.23 6.92
C TYR A 13 -3.84 -11.53 8.16
N LEU A 1 8.24 7.07 -8.18
CA LEU A 1 9.05 6.29 -7.26
C LEU A 1 9.31 7.06 -5.96
N GLY A 2 8.92 6.46 -4.85
CA GLY A 2 9.11 7.10 -3.56
C GLY A 2 7.82 7.61 -2.96
N GLN A 3 7.07 8.37 -3.74
CA GLN A 3 5.80 8.93 -3.28
C GLN A 3 5.01 7.89 -2.48
N GLN A 4 4.72 8.23 -1.23
CA GLN A 4 3.98 7.32 -0.36
C GLN A 4 2.68 6.85 -1.03
N GLN A 5 2.61 5.56 -1.30
CA GLN A 5 1.42 4.99 -1.94
C GLN A 5 0.49 4.36 -0.92
N PRO A 6 -0.82 4.61 -1.09
CA PRO A 6 -1.84 4.08 -0.18
C PRO A 6 -2.00 2.56 -0.30
N PHE A 7 -1.63 1.84 0.74
CA PHE A 7 -1.72 0.38 0.75
C PHE A 7 -3.11 -0.07 0.30
N PRO A 8 -3.19 -1.31 -0.19
CA PRO A 8 -4.44 -1.89 -0.67
C PRO A 8 -5.42 -2.16 0.47
N PRO A 9 -6.68 -2.46 0.11
CA PRO A 9 -7.74 -2.73 1.09
C PRO A 9 -7.53 -4.07 1.80
N GLN A 10 -7.52 -4.04 3.13
CA GLN A 10 -7.32 -5.25 3.91
C GLN A 10 -5.97 -5.88 3.62
N GLN A 11 -5.00 -5.63 4.49
CA GLN A 11 -3.66 -6.18 4.33
C GLN A 11 -3.71 -7.69 4.13
N PRO A 12 -2.70 -8.23 3.43
CA PRO A 12 -2.61 -9.67 3.15
C PRO A 12 -2.30 -10.48 4.41
N TYR A 13 -3.01 -11.59 4.58
CA TYR A 13 -2.82 -12.45 5.73
C TYR A 13 -2.81 -11.64 7.02
N LEU A 1 12.58 8.91 -8.02
CA LEU A 1 11.38 9.71 -7.84
C LEU A 1 10.13 8.90 -8.17
N GLY A 2 9.26 8.74 -7.19
CA GLY A 2 8.04 7.98 -7.40
C GLY A 2 7.30 7.68 -6.10
N GLN A 3 6.46 8.61 -5.68
CA GLN A 3 5.70 8.45 -4.45
C GLN A 3 5.18 7.03 -4.31
N GLN A 4 5.68 6.31 -3.32
CA GLN A 4 5.27 4.93 -3.09
C GLN A 4 3.74 4.83 -3.01
N GLN A 5 3.21 3.67 -3.40
CA GLN A 5 1.78 3.45 -3.38
C GLN A 5 1.34 2.81 -2.06
N PRO A 6 0.23 3.30 -1.51
CA PRO A 6 -0.32 2.81 -0.24
C PRO A 6 -0.89 1.39 -0.37
N PHE A 7 -0.53 0.54 0.58
CA PHE A 7 -1.00 -0.85 0.57
C PHE A 7 -2.50 -0.91 0.36
N PRO A 8 -3.00 -2.06 -0.13
CA PRO A 8 -4.42 -2.27 -0.39
C PRO A 8 -5.24 -2.37 0.90
N PRO A 9 -6.56 -2.31 0.76
CA PRO A 9 -7.48 -2.38 1.90
C PRO A 9 -7.51 -3.78 2.53
N GLN A 10 -7.79 -3.83 3.83
CA GLN A 10 -7.85 -5.10 4.54
C GLN A 10 -6.51 -5.81 4.50
N GLN A 11 -5.74 -5.69 5.57
CA GLN A 11 -4.42 -6.32 5.64
C GLN A 11 -4.52 -7.81 5.34
N PRO A 12 -3.41 -8.38 4.83
CA PRO A 12 -3.35 -9.80 4.48
C PRO A 12 -3.38 -10.71 5.72
N TYR A 13 -4.46 -11.45 5.87
CA TYR A 13 -4.61 -12.36 7.00
C TYR A 13 -4.27 -11.65 8.31
N LEU A 1 7.15 10.97 -8.56
CA LEU A 1 8.16 9.94 -8.38
C LEU A 1 8.84 10.07 -7.02
N GLY A 2 8.26 9.43 -6.01
CA GLY A 2 8.82 9.47 -4.68
C GLY A 2 7.88 8.91 -3.63
N GLN A 3 6.78 9.62 -3.39
CA GLN A 3 5.80 9.18 -2.40
C GLN A 3 5.58 7.68 -2.49
N GLN A 4 5.90 6.98 -1.40
CA GLN A 4 5.74 5.53 -1.35
C GLN A 4 4.32 5.12 -1.76
N GLN A 5 4.19 3.92 -2.28
CA GLN A 5 2.89 3.42 -2.72
C GLN A 5 2.03 3.04 -1.52
N PRO A 6 0.73 3.40 -1.57
CA PRO A 6 -0.22 3.11 -0.50
C PRO A 6 -0.54 1.62 -0.39
N PHE A 7 -0.50 1.10 0.83
CA PHE A 7 -0.78 -0.31 1.06
C PHE A 7 -2.08 -0.72 0.36
N PRO A 8 -2.22 -2.03 0.09
CA PRO A 8 -3.40 -2.58 -0.57
C PRO A 8 -4.64 -2.54 0.33
N PRO A 9 -5.81 -2.78 -0.27
CA PRO A 9 -7.09 -2.77 0.45
C PRO A 9 -7.22 -3.96 1.40
N GLN A 10 -7.13 -3.68 2.70
CA GLN A 10 -7.23 -4.72 3.71
C GLN A 10 -6.14 -5.77 3.53
N GLN A 11 -5.06 -5.63 4.31
CA GLN A 11 -3.95 -6.56 4.23
C GLN A 11 -4.41 -8.00 4.44
N PRO A 12 -3.67 -8.95 3.87
CA PRO A 12 -4.00 -10.39 3.99
C PRO A 12 -3.78 -10.91 5.40
N TYR A 13 -4.88 -11.32 6.04
CA TYR A 13 -4.81 -11.85 7.41
C TYR A 13 -3.96 -10.94 8.29
N LEU A 1 13.38 8.22 -6.49
CA LEU A 1 11.97 8.52 -6.33
C LEU A 1 11.16 7.26 -6.02
N GLY A 2 10.15 7.39 -5.18
CA GLY A 2 9.32 6.26 -4.82
C GLY A 2 8.01 6.66 -4.17
N GLN A 3 7.18 7.36 -4.93
CA GLN A 3 5.89 7.81 -4.41
C GLN A 3 5.22 6.74 -3.57
N GLN A 4 5.14 6.97 -2.27
CA GLN A 4 4.53 6.01 -1.36
C GLN A 4 3.14 5.60 -1.85
N GLN A 5 2.93 4.30 -1.99
CA GLN A 5 1.65 3.79 -2.45
C GLN A 5 0.76 3.39 -1.27
N PRO A 6 -0.53 3.75 -1.36
CA PRO A 6 -1.51 3.44 -0.31
C PRO A 6 -1.81 1.95 -0.22
N PHE A 7 -1.46 1.34 0.91
CA PHE A 7 -1.70 -0.09 1.12
C PHE A 7 -3.14 -0.46 0.76
N PRO A 8 -3.36 -1.74 0.45
CA PRO A 8 -4.68 -2.25 0.09
C PRO A 8 -5.64 -2.27 1.27
N PRO A 9 -6.93 -2.48 0.98
CA PRO A 9 -7.98 -2.52 2.02
C PRO A 9 -7.87 -3.77 2.89
N GLN A 10 -7.20 -3.63 4.02
CA GLN A 10 -7.03 -4.74 4.95
C GLN A 10 -6.27 -5.89 4.28
N GLN A 11 -4.97 -5.96 4.54
CA GLN A 11 -4.13 -7.00 3.97
C GLN A 11 -4.68 -8.39 4.31
N PRO A 12 -4.38 -9.38 3.45
CA PRO A 12 -4.84 -10.75 3.65
C PRO A 12 -4.13 -11.43 4.82
N TYR A 13 -4.76 -12.47 5.34
CA TYR A 13 -4.20 -13.21 6.47
C TYR A 13 -3.72 -12.26 7.56
N LEU A 1 12.09 10.32 -8.24
CA LEU A 1 11.00 10.26 -7.27
C LEU A 1 10.03 9.15 -7.62
N GLY A 2 9.94 8.14 -6.75
CA GLY A 2 9.03 7.03 -6.99
C GLY A 2 8.16 6.74 -5.79
N GLN A 3 7.32 7.71 -5.42
CA GLN A 3 6.42 7.54 -4.29
C GLN A 3 5.80 6.14 -4.27
N GLN A 4 6.12 5.39 -3.22
CA GLN A 4 5.61 4.03 -3.09
C GLN A 4 4.09 4.00 -3.25
N GLN A 5 3.57 2.91 -3.82
CA GLN A 5 2.14 2.77 -4.03
C GLN A 5 1.43 2.41 -2.71
N PRO A 6 0.29 3.07 -2.46
CA PRO A 6 -0.50 2.85 -1.25
C PRO A 6 -1.17 1.47 -1.25
N PHE A 7 -0.70 0.59 -0.38
CA PHE A 7 -1.25 -0.76 -0.27
C PHE A 7 -2.77 -0.71 -0.18
N PRO A 8 -3.42 -1.83 -0.55
CA PRO A 8 -4.87 -1.95 -0.52
C PRO A 8 -5.42 -1.98 0.89
N PRO A 9 -6.76 -1.84 1.02
CA PRO A 9 -7.43 -1.85 2.32
C PRO A 9 -7.43 -3.24 2.96
N GLN A 10 -7.43 -3.26 4.29
CA GLN A 10 -7.43 -4.53 5.02
C GLN A 10 -6.16 -5.32 4.74
N GLN A 11 -5.21 -5.27 5.67
CA GLN A 11 -3.95 -5.97 5.51
C GLN A 11 -4.19 -7.44 5.19
N PRO A 12 -3.20 -8.09 4.55
CA PRO A 12 -3.28 -9.50 4.17
C PRO A 12 -3.23 -10.42 5.38
N TYR A 13 -4.21 -11.32 5.47
CA TYR A 13 -4.28 -12.27 6.58
C TYR A 13 -4.08 -11.56 7.92
N LEU A 1 13.62 6.82 -5.02
CA LEU A 1 12.38 7.44 -5.49
C LEU A 1 11.27 6.40 -5.61
N GLY A 2 10.02 6.87 -5.56
CA GLY A 2 8.89 5.97 -5.66
C GLY A 2 7.72 6.41 -4.81
N GLN A 3 6.92 7.33 -5.35
CA GLN A 3 5.75 7.84 -4.63
C GLN A 3 5.02 6.71 -3.91
N GLN A 4 5.11 6.72 -2.58
CA GLN A 4 4.45 5.69 -1.77
C GLN A 4 2.98 5.56 -2.14
N GLN A 5 2.57 4.35 -2.51
CA GLN A 5 1.19 4.10 -2.89
C GLN A 5 0.39 3.55 -1.71
N PRO A 6 -0.83 4.06 -1.53
CA PRO A 6 -1.72 3.65 -0.45
C PRO A 6 -2.24 2.22 -0.64
N PHE A 7 -1.61 1.27 0.03
CA PHE A 7 -2.01 -0.13 -0.07
C PHE A 7 -3.51 -0.28 0.13
N PRO A 8 -4.07 -1.38 -0.40
CA PRO A 8 -5.50 -1.67 -0.29
C PRO A 8 -5.93 -2.01 1.13
N PRO A 9 -7.24 -2.04 1.37
CA PRO A 9 -7.81 -2.35 2.68
C PRO A 9 -7.61 -3.82 3.06
N GLN A 10 -7.75 -4.11 4.36
CA GLN A 10 -7.59 -5.47 4.85
C GLN A 10 -6.17 -5.96 4.62
N GLN A 11 -5.35 -5.89 5.66
CA GLN A 11 -3.96 -6.33 5.58
C GLN A 11 -3.87 -7.75 5.02
N PRO A 12 -2.71 -8.09 4.43
CA PRO A 12 -2.48 -9.41 3.85
C PRO A 12 -2.36 -10.49 4.91
N TYR A 13 -2.59 -11.74 4.50
CA TYR A 13 -2.51 -12.88 5.42
C TYR A 13 -3.30 -12.59 6.70
N LEU A 1 8.33 6.90 -7.47
CA LEU A 1 9.57 6.66 -6.74
C LEU A 1 9.55 7.37 -5.39
N GLY A 2 9.25 6.60 -4.33
CA GLY A 2 9.19 7.17 -2.99
C GLY A 2 7.80 7.61 -2.61
N GLN A 3 7.08 8.22 -3.55
CA GLN A 3 5.73 8.69 -3.30
C GLN A 3 4.93 7.66 -2.48
N GLN A 4 4.62 8.03 -1.24
CA GLN A 4 3.87 7.14 -0.36
C GLN A 4 2.60 6.64 -1.04
N GLN A 5 2.60 5.37 -1.40
CA GLN A 5 1.44 4.77 -2.07
C GLN A 5 0.46 4.20 -1.04
N PRO A 6 -0.84 4.44 -1.27
CA PRO A 6 -1.90 3.96 -0.39
C PRO A 6 -2.06 2.44 -0.43
N PHE A 7 -1.61 1.77 0.62
CA PHE A 7 -1.70 0.32 0.69
C PHE A 7 -3.11 -0.15 0.36
N PRO A 8 -3.22 -1.42 -0.07
CA PRO A 8 -4.50 -2.02 -0.43
C PRO A 8 -5.41 -2.24 0.78
N PRO A 9 -6.69 -2.55 0.51
CA PRO A 9 -7.67 -2.80 1.58
C PRO A 9 -7.41 -4.10 2.33
N GLN A 10 -7.30 -4.00 3.64
CA GLN A 10 -7.05 -5.18 4.47
C GLN A 10 -5.71 -5.82 4.12
N GLN A 11 -4.70 -5.55 4.94
CA GLN A 11 -3.37 -6.11 4.71
C GLN A 11 -3.42 -7.62 4.53
N PRO A 12 -2.42 -8.17 3.84
CA PRO A 12 -2.33 -9.62 3.58
C PRO A 12 -2.04 -10.42 4.85
N TYR A 13 -2.66 -11.58 4.97
CA TYR A 13 -2.46 -12.45 6.13
C TYR A 13 -0.98 -12.60 6.44
N LEU A 1 6.91 13.14 -7.00
CA LEU A 1 7.10 11.95 -7.81
C LEU A 1 8.18 11.06 -7.22
N GLY A 2 7.84 9.80 -6.96
CA GLY A 2 8.80 8.87 -6.40
C GLY A 2 8.25 8.14 -5.18
N GLN A 3 7.44 8.84 -4.39
CA GLN A 3 6.85 8.25 -3.19
C GLN A 3 6.40 6.81 -3.46
N GLN A 4 6.97 5.88 -2.72
CA GLN A 4 6.62 4.46 -2.88
C GLN A 4 5.11 4.27 -2.79
N GLN A 5 4.59 3.35 -3.61
CA GLN A 5 3.16 3.07 -3.63
C GLN A 5 2.68 2.58 -2.26
N PRO A 6 1.52 3.09 -1.83
CA PRO A 6 0.93 2.72 -0.54
C PRO A 6 0.43 1.28 -0.53
N PHE A 7 0.51 0.64 0.63
CA PHE A 7 0.07 -0.74 0.79
C PHE A 7 -1.33 -0.93 0.20
N PRO A 8 -1.66 -2.18 -0.16
CA PRO A 8 -2.96 -2.53 -0.74
C PRO A 8 -4.09 -2.41 0.27
N PRO A 9 -5.34 -2.45 -0.23
CA PRO A 9 -6.53 -2.36 0.61
C PRO A 9 -6.74 -3.60 1.48
N GLN A 10 -7.13 -3.39 2.73
CA GLN A 10 -7.36 -4.49 3.65
C GLN A 10 -6.07 -5.28 3.87
N GLN A 11 -5.38 -5.00 4.98
CA GLN A 11 -4.14 -5.69 5.30
C GLN A 11 -4.33 -7.19 5.26
N PRO A 12 -3.23 -7.93 5.05
CA PRO A 12 -3.24 -9.39 4.99
C PRO A 12 -3.52 -10.02 6.36
N TYR A 13 -4.01 -11.25 6.34
CA TYR A 13 -4.32 -11.96 7.58
C TYR A 13 -3.15 -11.88 8.56
N LEU A 1 12.20 8.87 -2.91
CA LEU A 1 11.73 8.55 -4.26
C LEU A 1 10.66 7.45 -4.21
N GLY A 2 9.73 7.50 -5.15
CA GLY A 2 8.67 6.51 -5.21
C GLY A 2 7.34 7.04 -4.70
N GLN A 3 6.52 7.54 -5.61
CA GLN A 3 5.22 8.09 -5.24
C GLN A 3 4.54 7.22 -4.20
N GLN A 4 4.43 7.73 -2.98
CA GLN A 4 3.80 7.00 -1.89
C GLN A 4 2.43 6.50 -2.29
N GLN A 5 2.28 5.18 -2.37
CA GLN A 5 1.01 4.57 -2.74
C GLN A 5 0.24 4.09 -1.52
N PRO A 6 -1.08 4.35 -1.51
CA PRO A 6 -1.95 3.96 -0.40
C PRO A 6 -2.15 2.45 -0.31
N PHE A 7 -1.58 1.85 0.73
CA PHE A 7 -1.68 0.40 0.93
C PHE A 7 -3.13 -0.05 0.79
N PRO A 8 -3.31 -1.35 0.47
CA PRO A 8 -4.64 -1.94 0.30
C PRO A 8 -5.39 -2.06 1.63
N PRO A 9 -6.70 -2.35 1.53
CA PRO A 9 -7.56 -2.49 2.71
C PRO A 9 -7.23 -3.74 3.52
N GLN A 10 -6.25 -3.63 4.40
CA GLN A 10 -5.85 -4.75 5.24
C GLN A 10 -5.37 -5.92 4.39
N GLN A 11 -4.05 -6.04 4.23
CA GLN A 11 -3.47 -7.10 3.44
C GLN A 11 -3.99 -8.47 3.89
N PRO A 12 -3.96 -9.45 2.98
CA PRO A 12 -4.42 -10.82 3.26
C PRO A 12 -3.51 -11.55 4.25
N TYR A 13 -4.12 -12.33 5.13
CA TYR A 13 -3.37 -13.09 6.12
C TYR A 13 -2.21 -13.83 5.47
N LEU A 1 11.60 10.00 -7.35
CA LEU A 1 10.50 10.92 -7.10
C LEU A 1 9.18 10.34 -7.56
N GLY A 2 8.45 9.74 -6.63
CA GLY A 2 7.16 9.14 -6.95
C GLY A 2 6.69 8.16 -5.90
N GLN A 3 6.10 8.68 -4.83
CA GLN A 3 5.60 7.84 -3.75
C GLN A 3 4.92 6.59 -4.29
N GLN A 4 5.53 5.43 -4.04
CA GLN A 4 4.98 4.16 -4.51
C GLN A 4 3.52 4.02 -4.11
N GLN A 5 2.77 3.24 -4.89
CA GLN A 5 1.35 3.02 -4.61
C GLN A 5 1.15 2.47 -3.21
N PRO A 6 0.14 2.98 -2.49
CA PRO A 6 -0.18 2.55 -1.13
C PRO A 6 -0.76 1.14 -1.10
N PHE A 7 -0.33 0.37 -0.10
CA PHE A 7 -0.80 -1.01 0.06
C PHE A 7 -2.33 -1.08 -0.06
N PRO A 8 -2.84 -2.26 -0.40
CA PRO A 8 -4.28 -2.49 -0.55
C PRO A 8 -5.01 -2.46 0.79
N PRO A 9 -6.35 -2.40 0.74
CA PRO A 9 -7.19 -2.37 1.94
C PRO A 9 -7.18 -3.70 2.69
N GLN A 10 -7.31 -3.62 4.01
CA GLN A 10 -7.31 -4.81 4.85
C GLN A 10 -5.98 -5.55 4.75
N GLN A 11 -5.12 -5.33 5.73
CA GLN A 11 -3.80 -5.98 5.75
C GLN A 11 -3.94 -7.49 5.60
N PRO A 12 -2.87 -8.13 5.12
CA PRO A 12 -2.85 -9.59 4.91
C PRO A 12 -2.84 -10.36 6.23
N TYR A 13 -3.37 -11.57 6.20
CA TYR A 13 -3.42 -12.41 7.39
C TYR A 13 -2.06 -12.45 8.09
N LEU A 1 12.04 8.76 -4.35
CA LEU A 1 11.54 8.59 -5.70
C LEU A 1 10.44 7.53 -5.76
N GLY A 2 9.33 7.86 -6.41
CA GLY A 2 8.23 6.92 -6.52
C GLY A 2 7.11 7.22 -5.53
N GLN A 3 6.22 8.13 -5.91
CA GLN A 3 5.10 8.50 -5.05
C GLN A 3 4.50 7.28 -4.38
N GLN A 4 4.71 7.16 -3.08
CA GLN A 4 4.19 6.03 -2.31
C GLN A 4 2.69 5.84 -2.57
N GLN A 5 2.29 4.61 -2.86
CA GLN A 5 0.89 4.31 -3.13
C GLN A 5 0.21 3.74 -1.88
N PRO A 6 -1.01 4.20 -1.61
CA PRO A 6 -1.79 3.75 -0.45
C PRO A 6 -2.26 2.31 -0.60
N PHE A 7 -1.56 1.40 0.07
CA PHE A 7 -1.89 -0.02 0.03
C PHE A 7 -3.38 -0.23 0.28
N PRO A 8 -3.91 -1.37 -0.19
CA PRO A 8 -5.33 -1.72 -0.03
C PRO A 8 -5.68 -2.04 1.42
N PRO A 9 -6.99 -2.11 1.70
CA PRO A 9 -7.49 -2.42 3.05
C PRO A 9 -7.20 -3.86 3.46
N GLN A 10 -7.44 -4.17 4.74
CA GLN A 10 -7.22 -5.51 5.25
C GLN A 10 -5.76 -5.90 5.13
N GLN A 11 -5.01 -5.77 6.23
CA GLN A 11 -3.60 -6.10 6.25
C GLN A 11 -3.37 -7.52 5.72
N PRO A 12 -2.16 -7.78 5.21
CA PRO A 12 -1.79 -9.09 4.67
C PRO A 12 -1.67 -10.16 5.77
N TYR A 13 -1.93 -11.40 5.40
CA TYR A 13 -1.86 -12.51 6.34
C TYR A 13 -0.56 -12.46 7.14
N LEU A 1 11.65 9.31 -5.23
CA LEU A 1 10.67 10.21 -5.83
C LEU A 1 9.45 9.45 -6.32
N GLY A 2 8.30 10.11 -6.30
CA GLY A 2 7.08 9.47 -6.76
C GLY A 2 6.51 8.51 -5.74
N GLN A 3 5.82 9.05 -4.74
CA GLN A 3 5.23 8.22 -3.69
C GLN A 3 4.59 6.96 -4.28
N GLN A 4 5.20 5.82 -3.99
CA GLN A 4 4.71 4.55 -4.49
C GLN A 4 3.22 4.38 -4.19
N GLN A 5 2.53 3.60 -5.00
CA GLN A 5 1.11 3.36 -4.82
C GLN A 5 0.82 2.81 -3.42
N PRO A 6 -0.25 3.34 -2.79
CA PRO A 6 -0.65 2.92 -1.44
C PRO A 6 -1.20 1.50 -1.41
N PHE A 7 -0.65 0.68 -0.52
CA PHE A 7 -1.09 -0.71 -0.40
C PHE A 7 -2.61 -0.80 -0.31
N PRO A 8 -3.16 -1.96 -0.66
CA PRO A 8 -4.60 -2.20 -0.63
C PRO A 8 -5.15 -2.27 0.79
N PRO A 9 -6.48 -2.22 0.91
CA PRO A 9 -7.16 -2.28 2.20
C PRO A 9 -7.05 -3.64 2.87
N GLN A 10 -7.15 -3.66 4.20
CA GLN A 10 -7.06 -4.90 4.95
C GLN A 10 -5.70 -5.56 4.75
N GLN A 11 -4.79 -5.34 5.71
CA GLN A 11 -3.45 -5.91 5.63
C GLN A 11 -3.50 -7.42 5.44
N PRO A 12 -2.44 -7.99 4.87
CA PRO A 12 -2.35 -9.42 4.62
C PRO A 12 -2.20 -10.23 5.91
N TYR A 13 -3.17 -11.12 6.15
CA TYR A 13 -3.15 -11.94 7.35
C TYR A 13 -1.78 -12.59 7.55
N LEU A 1 8.47 6.28 -7.78
CA LEU A 1 9.52 5.74 -6.92
C LEU A 1 9.75 6.65 -5.72
N GLY A 2 8.96 6.43 -4.67
CA GLY A 2 9.10 7.23 -3.46
C GLY A 2 7.76 7.70 -2.92
N GLN A 3 6.95 8.32 -3.77
CA GLN A 3 5.64 8.81 -3.37
C GLN A 3 4.93 7.80 -2.47
N GLN A 4 4.64 8.22 -1.24
CA GLN A 4 3.98 7.35 -0.28
C GLN A 4 2.71 6.75 -0.88
N GLN A 5 2.77 5.46 -1.22
CA GLN A 5 1.64 4.77 -1.81
C GLN A 5 0.72 4.22 -0.72
N PRO A 6 -0.60 4.39 -0.92
CA PRO A 6 -1.61 3.91 0.04
C PRO A 6 -1.71 2.39 0.07
N PHE A 7 -1.53 1.81 1.24
CA PHE A 7 -1.60 0.36 1.40
C PHE A 7 -2.86 -0.19 0.75
N PRO A 8 -2.83 -1.48 0.41
CA PRO A 8 -3.96 -2.17 -0.22
C PRO A 8 -5.13 -2.34 0.73
N PRO A 9 -6.30 -2.73 0.17
CA PRO A 9 -7.51 -2.95 0.96
C PRO A 9 -7.42 -4.19 1.85
N GLN A 10 -7.07 -3.98 3.11
CA GLN A 10 -6.95 -5.08 4.06
C GLN A 10 -5.89 -6.08 3.59
N GLN A 11 -4.68 -5.95 4.14
CA GLN A 11 -3.58 -6.84 3.78
C GLN A 11 -3.96 -8.30 4.02
N PRO A 12 -3.34 -9.20 3.26
CA PRO A 12 -3.60 -10.64 3.37
C PRO A 12 -3.07 -11.23 4.67
N TYR A 13 -3.95 -11.89 5.42
CA TYR A 13 -3.57 -12.50 6.69
C TYR A 13 -2.79 -11.51 7.55
N LEU A 1 6.82 10.26 -9.95
CA LEU A 1 6.29 9.43 -8.88
C LEU A 1 7.30 9.31 -7.74
N GLY A 2 7.21 10.20 -6.76
CA GLY A 2 8.12 10.16 -5.64
C GLY A 2 7.48 9.57 -4.39
N GLN A 3 6.45 10.25 -3.88
CA GLN A 3 5.76 9.79 -2.68
C GLN A 3 5.56 8.27 -2.72
N GLN A 4 6.12 7.59 -1.73
CA GLN A 4 6.01 6.14 -1.64
C GLN A 4 4.55 5.70 -1.75
N GLN A 5 4.33 4.55 -2.39
CA GLN A 5 2.98 4.02 -2.57
C GLN A 5 2.47 3.41 -1.26
N PRO A 6 1.19 3.69 -0.95
CA PRO A 6 0.55 3.17 0.27
C PRO A 6 0.32 1.66 0.21
N PHE A 7 0.28 1.03 1.37
CA PHE A 7 0.06 -0.42 1.45
C PHE A 7 -1.14 -0.83 0.60
N PRO A 8 -1.17 -2.11 0.20
CA PRO A 8 -2.25 -2.66 -0.62
C PRO A 8 -3.56 -2.77 0.15
N PRO A 9 -4.65 -3.02 -0.59
CA PRO A 9 -5.98 -3.15 0.00
C PRO A 9 -6.14 -4.42 0.83
N GLN A 10 -6.58 -4.26 2.08
CA GLN A 10 -6.76 -5.40 2.97
C GLN A 10 -5.43 -6.09 3.25
N GLN A 11 -4.83 -5.77 4.40
CA GLN A 11 -3.56 -6.36 4.78
C GLN A 11 -3.61 -7.88 4.70
N PRO A 12 -2.44 -8.50 4.48
CA PRO A 12 -2.34 -9.97 4.38
C PRO A 12 -2.57 -10.65 5.72
N TYR A 13 -3.83 -10.94 6.02
CA TYR A 13 -4.18 -11.60 7.28
C TYR A 13 -3.30 -12.82 7.52
N LEU A 1 8.10 8.76 -8.35
CA LEU A 1 9.31 8.10 -7.87
C LEU A 1 9.64 8.53 -6.44
N GLY A 2 9.03 7.85 -5.48
CA GLY A 2 9.27 8.18 -4.09
C GLY A 2 7.99 8.27 -3.28
N GLN A 3 7.01 8.99 -3.82
CA GLN A 3 5.73 9.15 -3.13
C GLN A 3 5.28 7.85 -2.50
N GLN A 4 5.16 7.85 -1.17
CA GLN A 4 4.74 6.66 -0.44
C GLN A 4 3.44 6.10 -1.01
N GLN A 5 3.53 4.92 -1.62
CA GLN A 5 2.36 4.28 -2.22
C GLN A 5 1.36 3.85 -1.14
N PRO A 6 0.07 4.09 -1.40
CA PRO A 6 -1.00 3.74 -0.47
C PRO A 6 -1.20 2.23 -0.35
N PHE A 7 -1.06 1.72 0.87
CA PHE A 7 -1.22 0.28 1.11
C PHE A 7 -2.50 -0.24 0.48
N PRO A 8 -2.55 -1.55 0.21
CA PRO A 8 -3.72 -2.20 -0.40
C PRO A 8 -4.90 -2.25 0.56
N PRO A 9 -6.09 -2.59 0.00
CA PRO A 9 -7.31 -2.69 0.78
C PRO A 9 -7.32 -3.87 1.74
N GLN A 10 -7.14 -3.58 3.03
CA GLN A 10 -7.11 -4.63 4.04
C GLN A 10 -5.99 -5.63 3.78
N GLN A 11 -4.86 -5.43 4.45
CA GLN A 11 -3.70 -6.31 4.28
C GLN A 11 -4.11 -7.77 4.45
N PRO A 12 -3.36 -8.68 3.81
CA PRO A 12 -3.61 -10.12 3.89
C PRO A 12 -3.30 -10.70 5.26
N TYR A 13 -3.83 -11.88 5.53
CA TYR A 13 -3.61 -12.54 6.81
C TYR A 13 -2.13 -12.53 7.18
N LEU A 1 12.57 8.87 -4.81
CA LEU A 1 11.72 9.18 -5.95
C LEU A 1 10.67 8.09 -6.16
N GLY A 2 9.46 8.50 -6.52
CA GLY A 2 8.40 7.55 -6.74
C GLY A 2 7.35 7.57 -5.64
N GLN A 3 6.39 8.48 -5.75
CA GLN A 3 5.34 8.59 -4.74
C GLN A 3 4.86 7.21 -4.30
N GLN A 4 5.19 6.85 -3.06
CA GLN A 4 4.79 5.57 -2.51
C GLN A 4 3.29 5.34 -2.68
N GLN A 5 2.92 4.13 -3.08
CA GLN A 5 1.51 3.79 -3.28
C GLN A 5 0.89 3.29 -1.99
N PRO A 6 -0.34 3.74 -1.70
CA PRO A 6 -1.07 3.34 -0.49
C PRO A 6 -1.52 1.88 -0.54
N PHE A 7 -1.01 1.09 0.39
CA PHE A 7 -1.35 -0.33 0.46
C PHE A 7 -2.86 -0.52 0.39
N PRO A 8 -3.29 -1.73 -0.03
CA PRO A 8 -4.71 -2.07 -0.15
C PRO A 8 -5.39 -2.19 1.21
N PRO A 9 -6.73 -2.25 1.19
CA PRO A 9 -7.54 -2.37 2.41
C PRO A 9 -7.38 -3.74 3.07
N GLN A 10 -7.20 -3.73 4.38
CA GLN A 10 -7.04 -4.98 5.13
C GLN A 10 -5.80 -5.73 4.69
N GLN A 11 -4.72 -5.59 5.45
CA GLN A 11 -3.46 -6.25 5.13
C GLN A 11 -3.67 -7.75 4.92
N PRO A 12 -2.80 -8.36 4.10
CA PRO A 12 -2.87 -9.80 3.81
C PRO A 12 -2.52 -10.66 5.02
N TYR A 13 -3.46 -11.49 5.44
CA TYR A 13 -3.25 -12.37 6.57
C TYR A 13 -1.92 -13.10 6.47
N LEU A 1 12.51 9.89 -8.95
CA LEU A 1 11.32 10.21 -8.18
C LEU A 1 10.18 9.27 -8.54
N GLY A 2 9.38 8.90 -7.54
CA GLY A 2 8.25 8.01 -7.77
C GLY A 2 7.48 7.71 -6.51
N GLN A 3 6.64 8.66 -6.10
CA GLN A 3 5.84 8.50 -4.88
C GLN A 3 5.27 7.08 -4.79
N GLN A 4 5.78 6.32 -3.83
CA GLN A 4 5.34 4.94 -3.64
C GLN A 4 3.81 4.87 -3.54
N GLN A 5 3.25 3.71 -3.85
CA GLN A 5 1.81 3.52 -3.79
C GLN A 5 1.40 2.88 -2.46
N PRO A 6 0.31 3.40 -1.88
CA PRO A 6 -0.22 2.90 -0.61
C PRO A 6 -0.82 1.51 -0.73
N PHE A 7 -0.31 0.58 0.07
CA PHE A 7 -0.79 -0.80 0.06
C PHE A 7 -2.32 -0.84 0.11
N PRO A 8 -2.90 -1.94 -0.36
CA PRO A 8 -4.36 -2.14 -0.37
C PRO A 8 -4.93 -2.32 1.03
N PRO A 9 -6.26 -2.25 1.14
CA PRO A 9 -6.96 -2.40 2.42
C PRO A 9 -6.90 -3.84 2.95
N GLN A 10 -7.30 -4.03 4.20
CA GLN A 10 -7.29 -5.35 4.81
C GLN A 10 -5.88 -5.93 4.84
N GLN A 11 -5.22 -5.80 5.99
CA GLN A 11 -3.86 -6.30 6.14
C GLN A 11 -3.78 -7.77 5.73
N PRO A 12 -2.58 -8.20 5.30
CA PRO A 12 -2.34 -9.58 4.87
C PRO A 12 -2.38 -10.57 6.03
N TYR A 13 -3.55 -11.10 6.30
CA TYR A 13 -3.73 -12.06 7.39
C TYR A 13 -2.66 -13.15 7.35
N LEU A 1 11.75 10.22 -5.64
CA LEU A 1 11.00 10.45 -6.87
C LEU A 1 10.05 9.31 -7.15
N GLY A 2 8.75 9.62 -7.18
CA GLY A 2 7.74 8.61 -7.43
C GLY A 2 6.99 8.20 -6.18
N GLN A 3 6.09 9.07 -5.72
CA GLN A 3 5.31 8.79 -4.53
C GLN A 3 4.85 7.35 -4.50
N GLN A 4 5.44 6.56 -3.60
CA GLN A 4 5.09 5.14 -3.48
C GLN A 4 3.58 4.97 -3.32
N GLN A 5 3.05 3.88 -3.87
CA GLN A 5 1.62 3.61 -3.79
C GLN A 5 1.25 3.02 -2.44
N PRO A 6 0.14 3.48 -1.87
CA PRO A 6 -0.35 3.02 -0.57
C PRO A 6 -0.86 1.58 -0.62
N PHE A 7 -0.43 0.76 0.34
CA PHE A 7 -0.85 -0.63 0.40
C PHE A 7 -2.37 -0.76 0.26
N PRO A 8 -2.81 -1.94 -0.17
CA PRO A 8 -4.25 -2.21 -0.36
C PRO A 8 -5.00 -2.29 0.97
N PRO A 9 -6.33 -2.29 0.89
CA PRO A 9 -7.20 -2.36 2.07
C PRO A 9 -7.15 -3.72 2.74
N GLN A 10 -7.29 -3.74 4.07
CA GLN A 10 -7.27 -4.97 4.83
C GLN A 10 -5.92 -5.68 4.67
N GLN A 11 -5.04 -5.50 5.66
CA GLN A 11 -3.73 -6.12 5.63
C GLN A 11 -3.83 -7.62 5.38
N PRO A 12 -2.77 -8.20 4.78
CA PRO A 12 -2.72 -9.63 4.48
C PRO A 12 -2.62 -10.49 5.73
N TYR A 13 -3.52 -11.44 5.87
CA TYR A 13 -3.54 -12.33 7.02
C TYR A 13 -2.14 -12.89 7.30
N LEU A 1 12.00 10.12 -4.76
CA LEU A 1 11.18 10.52 -5.91
C LEU A 1 10.22 9.40 -6.32
N GLY A 2 8.93 9.71 -6.32
CA GLY A 2 7.93 8.72 -6.70
C GLY A 2 7.17 8.18 -5.50
N GLN A 3 6.23 8.99 -4.99
CA GLN A 3 5.44 8.58 -3.83
C GLN A 3 5.02 7.12 -3.94
N GLN A 4 5.54 6.30 -3.04
CA GLN A 4 5.23 4.88 -3.03
C GLN A 4 3.72 4.65 -3.05
N GLN A 5 3.29 3.64 -3.80
CA GLN A 5 1.87 3.33 -3.90
C GLN A 5 1.31 2.87 -2.55
N PRO A 6 0.11 3.37 -2.21
CA PRO A 6 -0.56 3.03 -0.95
C PRO A 6 -1.03 1.58 -0.91
N PHE A 7 -0.61 0.85 0.11
CA PHE A 7 -0.99 -0.55 0.26
C PHE A 7 -2.50 -0.73 0.09
N PRO A 8 -2.91 -1.95 -0.26
CA PRO A 8 -4.33 -2.28 -0.46
C PRO A 8 -5.11 -2.28 0.84
N PRO A 9 -6.45 -2.32 0.73
CA PRO A 9 -7.33 -2.33 1.89
C PRO A 9 -7.27 -3.64 2.67
N GLN A 10 -7.04 -3.55 3.97
CA GLN A 10 -6.95 -4.73 4.82
C GLN A 10 -5.78 -5.61 4.41
N GLN A 11 -4.66 -5.46 5.11
CA GLN A 11 -3.46 -6.24 4.82
C GLN A 11 -3.78 -7.74 4.80
N PRO A 12 -2.99 -8.49 4.03
CA PRO A 12 -3.16 -9.95 3.91
C PRO A 12 -2.80 -10.69 5.19
N TYR A 13 -3.76 -11.43 5.73
CA TYR A 13 -3.54 -12.20 6.96
C TYR A 13 -2.24 -12.97 6.89
N LEU A 1 13.05 7.12 -5.21
CA LEU A 1 11.98 7.91 -5.80
C LEU A 1 10.79 7.03 -6.15
N GLY A 2 9.59 7.61 -6.12
CA GLY A 2 8.38 6.87 -6.44
C GLY A 2 7.25 7.17 -5.48
N GLN A 3 6.36 8.07 -5.87
CA GLN A 3 5.23 8.45 -5.04
C GLN A 3 4.62 7.22 -4.38
N GLN A 4 4.82 7.10 -3.06
CA GLN A 4 4.30 5.97 -2.31
C GLN A 4 2.80 5.79 -2.56
N GLN A 5 2.39 4.56 -2.86
CA GLN A 5 0.99 4.27 -3.13
C GLN A 5 0.31 3.67 -1.90
N PRO A 6 -0.92 4.13 -1.63
CA PRO A 6 -1.70 3.66 -0.48
C PRO A 6 -2.16 2.22 -0.65
N PHE A 7 -1.47 1.30 0.03
CA PHE A 7 -1.81 -0.12 -0.05
C PHE A 7 -3.32 -0.33 0.18
N PRO A 8 -3.82 -1.46 -0.32
CA PRO A 8 -5.25 -1.80 -0.18
C PRO A 8 -5.63 -2.14 1.25
N PRO A 9 -6.94 -2.23 1.51
CA PRO A 9 -7.46 -2.55 2.85
C PRO A 9 -7.20 -4.00 3.24
N GLN A 10 -7.37 -4.29 4.53
CA GLN A 10 -7.14 -5.65 5.04
C GLN A 10 -5.69 -6.08 4.80
N GLN A 11 -4.87 -5.94 5.83
CA GLN A 11 -3.46 -6.32 5.73
C GLN A 11 -3.32 -7.76 5.26
N PRO A 12 -2.18 -8.06 4.61
CA PRO A 12 -1.90 -9.40 4.10
C PRO A 12 -1.65 -10.41 5.22
N TYR A 13 -2.63 -11.27 5.47
CA TYR A 13 -2.51 -12.29 6.50
C TYR A 13 -1.18 -13.03 6.40
N LEU A 1 12.97 10.41 -7.01
CA LEU A 1 11.58 10.72 -6.67
C LEU A 1 10.65 9.58 -7.06
N GLY A 2 9.57 9.40 -6.30
CA GLY A 2 8.61 8.35 -6.59
C GLY A 2 7.67 8.10 -5.43
N GLN A 3 6.61 8.89 -5.34
CA GLN A 3 5.63 8.75 -4.28
C GLN A 3 5.32 7.28 -4.02
N GLN A 4 5.68 6.80 -2.83
CA GLN A 4 5.44 5.41 -2.46
C GLN A 4 3.99 5.04 -2.69
N GLN A 5 3.75 3.75 -2.95
CA GLN A 5 2.40 3.26 -3.19
C GLN A 5 1.69 2.92 -1.87
N PRO A 6 0.42 3.31 -1.77
CA PRO A 6 -0.39 3.05 -0.58
C PRO A 6 -0.72 1.57 -0.39
N PHE A 7 -0.52 1.07 0.83
CA PHE A 7 -0.79 -0.32 1.13
C PHE A 7 -2.17 -0.73 0.62
N PRO A 8 -2.36 -2.04 0.41
CA PRO A 8 -3.63 -2.59 -0.08
C PRO A 8 -4.74 -2.50 0.97
N PRO A 9 -5.98 -2.74 0.53
CA PRO A 9 -7.15 -2.71 1.42
C PRO A 9 -7.17 -3.87 2.41
N GLN A 10 -6.48 -3.69 3.54
CA GLN A 10 -6.41 -4.71 4.57
C GLN A 10 -5.77 -5.99 4.02
N GLN A 11 -4.49 -6.17 4.32
CA GLN A 11 -3.76 -7.35 3.86
C GLN A 11 -4.48 -8.63 4.27
N PRO A 12 -4.27 -9.70 3.49
CA PRO A 12 -4.89 -11.01 3.75
C PRO A 12 -4.32 -11.68 4.99
N TYR A 13 -5.20 -12.01 5.92
CA TYR A 13 -4.79 -12.66 7.17
C TYR A 13 -3.85 -13.83 6.89
N LEU A 1 6.88 11.03 -9.26
CA LEU A 1 7.59 9.80 -8.94
C LEU A 1 8.41 9.96 -7.66
N GLY A 2 8.13 9.11 -6.68
CA GLY A 2 8.85 9.17 -5.42
C GLY A 2 8.03 8.68 -4.26
N GLN A 3 7.03 9.47 -3.86
CA GLN A 3 6.17 9.11 -2.74
C GLN A 3 5.80 7.62 -2.80
N GLN A 4 6.13 6.90 -1.73
CA GLN A 4 5.84 5.47 -1.67
C GLN A 4 4.37 5.20 -1.98
N GLN A 5 4.11 4.07 -2.62
CA GLN A 5 2.74 3.70 -2.97
C GLN A 5 2.02 3.11 -1.77
N PRO A 6 0.74 3.51 -1.60
CA PRO A 6 -0.09 3.03 -0.49
C PRO A 6 -0.47 1.56 -0.65
N PHE A 7 -0.12 0.76 0.35
CA PHE A 7 -0.42 -0.67 0.33
C PHE A 7 -1.89 -0.90 -0.03
N PRO A 8 -2.19 -2.11 -0.54
CA PRO A 8 -3.55 -2.48 -0.93
C PRO A 8 -4.47 -2.66 0.28
N PRO A 9 -5.78 -2.76 0.02
CA PRO A 9 -6.78 -2.93 1.07
C PRO A 9 -6.72 -4.30 1.71
N GLN A 10 -7.23 -4.41 2.94
CA GLN A 10 -7.22 -5.68 3.67
C GLN A 10 -5.80 -6.15 3.92
N GLN A 11 -5.31 -5.94 5.14
CA GLN A 11 -3.95 -6.34 5.51
C GLN A 11 -3.74 -7.83 5.23
N PRO A 12 -2.48 -8.21 4.99
CA PRO A 12 -2.11 -9.59 4.70
C PRO A 12 -2.24 -10.49 5.93
N TYR A 13 -3.45 -11.00 6.16
CA TYR A 13 -3.72 -11.87 7.29
C TYR A 13 -2.66 -12.97 7.40
N LEU A 1 12.61 10.06 -8.16
CA LEU A 1 11.60 9.95 -7.12
C LEU A 1 10.58 8.86 -7.43
N GLY A 2 9.88 8.38 -6.41
CA GLY A 2 8.88 7.35 -6.61
C GLY A 2 7.92 7.25 -5.44
N GLN A 3 6.95 8.16 -5.40
CA GLN A 3 5.96 8.17 -4.33
C GLN A 3 5.50 6.76 -4.01
N GLN A 4 5.83 6.29 -2.81
CA GLN A 4 5.45 4.95 -2.38
C GLN A 4 3.95 4.72 -2.56
N GLN A 5 3.60 3.55 -3.08
CA GLN A 5 2.20 3.21 -3.30
C GLN A 5 1.53 2.75 -2.02
N PRO A 6 0.30 3.25 -1.77
CA PRO A 6 -0.47 2.90 -0.57
C PRO A 6 -0.95 1.45 -0.60
N PHE A 7 -0.55 0.69 0.43
CA PHE A 7 -0.94 -0.71 0.53
C PHE A 7 -2.44 -0.88 0.31
N PRO A 8 -2.84 -2.09 -0.08
CA PRO A 8 -4.25 -2.41 -0.34
C PRO A 8 -5.08 -2.45 0.95
N PRO A 9 -6.41 -2.48 0.79
CA PRO A 9 -7.34 -2.52 1.92
C PRO A 9 -7.30 -3.85 2.66
N GLN A 10 -6.95 -3.80 3.95
CA GLN A 10 -6.86 -5.00 4.77
C GLN A 10 -5.80 -5.96 4.23
N GLN A 11 -4.62 -5.91 4.83
CA GLN A 11 -3.52 -6.78 4.41
C GLN A 11 -3.95 -8.24 4.36
N PRO A 12 -3.25 -9.03 3.55
CA PRO A 12 -3.55 -10.46 3.39
C PRO A 12 -3.20 -11.27 4.64
N TYR A 13 -4.20 -11.45 5.51
CA TYR A 13 -4.00 -12.19 6.75
C TYR A 13 -3.30 -13.52 6.48
N LEU A 1 13.16 9.18 -7.18
CA LEU A 1 11.82 9.39 -6.67
C LEU A 1 10.92 8.20 -6.99
N GLY A 2 10.01 7.89 -6.08
CA GLY A 2 9.10 6.78 -6.29
C GLY A 2 7.96 6.76 -5.28
N GLN A 3 7.08 7.73 -5.37
CA GLN A 3 5.94 7.82 -4.45
C GLN A 3 5.34 6.45 -4.20
N GLN A 4 5.52 5.93 -2.99
CA GLN A 4 4.99 4.63 -2.62
C GLN A 4 3.51 4.53 -2.94
N GLN A 5 3.07 3.34 -3.33
CA GLN A 5 1.68 3.11 -3.66
C GLN A 5 0.85 2.78 -2.42
N PRO A 6 -0.33 3.39 -2.32
CA PRO A 6 -1.23 3.17 -1.18
C PRO A 6 -1.83 1.77 -1.17
N PHE A 7 -1.22 0.87 -0.42
CA PHE A 7 -1.69 -0.50 -0.33
C PHE A 7 -3.19 -0.54 -0.05
N PRO A 8 -3.83 -1.67 -0.40
CA PRO A 8 -5.27 -1.86 -0.19
C PRO A 8 -5.63 -2.01 1.27
N PRO A 9 -6.94 -1.92 1.57
CA PRO A 9 -7.44 -2.04 2.94
C PRO A 9 -7.30 -3.45 3.50
N GLN A 10 -6.95 -3.55 4.77
CA GLN A 10 -6.77 -4.85 5.42
C GLN A 10 -5.68 -5.66 4.75
N GLN A 11 -4.48 -5.63 5.31
CA GLN A 11 -3.35 -6.35 4.77
C GLN A 11 -3.69 -7.83 4.58
N PRO A 12 -3.01 -8.47 3.62
CA PRO A 12 -3.23 -9.89 3.31
C PRO A 12 -2.71 -10.80 4.42
N TYR A 13 -3.59 -11.13 5.37
CA TYR A 13 -3.23 -11.99 6.48
C TYR A 13 -2.50 -13.24 5.99
N LEU A 1 8.75 8.99 -9.21
CA LEU A 1 9.15 8.10 -8.13
C LEU A 1 9.36 8.87 -6.83
N GLY A 2 8.38 8.77 -5.92
CA GLY A 2 8.49 9.47 -4.66
C GLY A 2 7.35 9.12 -3.72
N GLN A 3 6.28 9.91 -3.77
CA GLN A 3 5.12 9.69 -2.91
C GLN A 3 4.79 8.20 -2.83
N GLN A 4 4.99 7.63 -1.64
CA GLN A 4 4.71 6.21 -1.42
C GLN A 4 3.30 5.85 -1.90
N GLN A 5 3.18 4.73 -2.59
CA GLN A 5 1.89 4.28 -3.10
C GLN A 5 1.02 3.73 -1.97
N PRO A 6 -0.26 4.11 -1.97
CA PRO A 6 -1.22 3.67 -0.95
C PRO A 6 -1.55 2.18 -1.07
N PHE A 7 -0.94 1.37 -0.21
CA PHE A 7 -1.17 -0.07 -0.22
C PHE A 7 -2.66 -0.38 -0.25
N PRO A 8 -3.01 -1.59 -0.73
CA PRO A 8 -4.40 -2.04 -0.82
C PRO A 8 -5.01 -2.29 0.56
N PRO A 9 -6.35 -2.45 0.59
CA PRO A 9 -7.08 -2.72 1.83
C PRO A 9 -6.79 -4.11 2.40
N GLN A 10 -7.04 -4.28 3.69
CA GLN A 10 -6.81 -5.56 4.34
C GLN A 10 -5.33 -5.94 4.30
N GLN A 11 -4.62 -5.68 5.39
CA GLN A 11 -3.20 -5.99 5.46
C GLN A 11 -2.94 -7.45 5.10
N PRO A 12 -1.73 -7.73 4.59
CA PRO A 12 -1.33 -9.07 4.19
C PRO A 12 -1.16 -10.01 5.38
N TYR A 13 -2.17 -10.84 5.63
CA TYR A 13 -2.13 -11.78 6.74
C TYR A 13 -0.81 -12.54 6.76
N LEU A 1 13.47 7.54 -3.87
CA LEU A 1 12.40 8.06 -4.70
C LEU A 1 11.36 6.98 -5.00
N GLY A 2 10.09 7.33 -4.86
CA GLY A 2 9.02 6.39 -5.12
C GLY A 2 7.72 6.79 -4.47
N GLN A 3 6.86 7.48 -5.22
CA GLN A 3 5.58 7.93 -4.70
C GLN A 3 4.92 6.84 -3.86
N GLN A 4 4.88 7.07 -2.56
CA GLN A 4 4.28 6.10 -1.63
C GLN A 4 2.87 5.72 -2.08
N GLN A 5 2.66 4.43 -2.29
CA GLN A 5 1.35 3.93 -2.72
C GLN A 5 0.51 3.50 -1.52
N PRO A 6 -0.78 3.85 -1.55
CA PRO A 6 -1.72 3.51 -0.49
C PRO A 6 -2.03 2.01 -0.44
N PHE A 7 -1.56 1.35 0.61
CA PHE A 7 -1.80 -0.08 0.78
C PHE A 7 -3.26 -0.42 0.55
N PRO A 8 -3.53 -1.69 0.21
CA PRO A 8 -4.89 -2.17 -0.03
C PRO A 8 -5.72 -2.25 1.24
N PRO A 9 -7.04 -2.44 1.09
CA PRO A 9 -7.97 -2.53 2.22
C PRO A 9 -7.78 -3.82 3.01
N GLN A 10 -7.68 -3.68 4.34
CA GLN A 10 -7.50 -4.84 5.21
C GLN A 10 -6.19 -5.57 4.88
N GLN A 11 -5.15 -5.28 5.65
CA GLN A 11 -3.86 -5.91 5.44
C GLN A 11 -3.99 -7.42 5.39
N PRO A 12 -3.04 -8.08 4.69
CA PRO A 12 -3.04 -9.54 4.55
C PRO A 12 -2.69 -10.24 5.86
N TYR A 13 -3.16 -11.47 6.01
CA TYR A 13 -2.90 -12.25 7.22
C TYR A 13 -1.42 -12.22 7.56
N LEU A 1 13.30 9.35 -5.81
CA LEU A 1 11.92 9.66 -6.17
C LEU A 1 11.09 8.40 -6.29
N GLY A 2 9.83 8.48 -5.87
CA GLY A 2 8.95 7.33 -5.95
C GLY A 2 7.73 7.47 -5.05
N GLN A 3 6.73 8.21 -5.54
CA GLN A 3 5.52 8.42 -4.77
C GLN A 3 5.07 7.13 -4.07
N GLN A 4 5.14 7.12 -2.75
CA GLN A 4 4.75 5.96 -1.97
C GLN A 4 3.36 5.49 -2.36
N GLN A 5 3.22 4.18 -2.57
CA GLN A 5 1.93 3.61 -2.96
C GLN A 5 1.11 3.25 -1.71
N PRO A 6 -0.20 3.56 -1.77
CA PRO A 6 -1.12 3.29 -0.66
C PRO A 6 -1.37 1.80 -0.48
N PHE A 7 -0.91 1.25 0.63
CA PHE A 7 -1.09 -0.17 0.93
C PHE A 7 -2.54 -0.59 0.73
N PRO A 8 -2.76 -1.89 0.49
CA PRO A 8 -4.10 -2.45 0.28
C PRO A 8 -4.94 -2.43 1.56
N PRO A 9 -6.25 -2.68 1.41
CA PRO A 9 -7.19 -2.70 2.53
C PRO A 9 -6.97 -3.90 3.45
N GLN A 10 -6.03 -3.76 4.38
CA GLN A 10 -5.72 -4.84 5.32
C GLN A 10 -5.22 -6.07 4.58
N GLN A 11 -3.91 -6.27 4.58
CA GLN A 11 -3.30 -7.41 3.91
C GLN A 11 -3.96 -8.71 4.35
N PRO A 12 -3.92 -9.72 3.47
CA PRO A 12 -4.51 -11.04 3.75
C PRO A 12 -3.73 -11.80 4.82
N TYR A 13 -4.14 -11.65 6.08
CA TYR A 13 -3.48 -12.31 7.18
C TYR A 13 -3.29 -13.80 6.89
N LEU A 1 6.89 8.98 -8.29
CA LEU A 1 8.29 9.37 -8.11
C LEU A 1 8.59 9.65 -6.64
N GLY A 2 8.98 8.60 -5.91
CA GLY A 2 9.29 8.76 -4.51
C GLY A 2 8.09 8.52 -3.61
N GLN A 3 6.95 9.11 -3.99
CA GLN A 3 5.73 8.96 -3.21
C GLN A 3 5.57 7.52 -2.72
N GLN A 4 5.64 7.34 -1.40
CA GLN A 4 5.51 6.02 -0.80
C GLN A 4 4.23 5.33 -1.30
N GLN A 5 4.40 4.16 -1.91
CA GLN A 5 3.27 3.41 -2.42
C GLN A 5 2.26 3.13 -1.32
N PRO A 6 0.96 3.28 -1.65
CA PRO A 6 -0.13 3.05 -0.70
C PRO A 6 -0.29 1.57 -0.36
N PHE A 7 -0.34 1.27 0.94
CA PHE A 7 -0.50 -0.10 1.40
C PHE A 7 -1.64 -0.80 0.67
N PRO A 8 -1.59 -2.14 0.63
CA PRO A 8 -2.61 -2.95 -0.03
C PRO A 8 -3.95 -2.92 0.69
N PRO A 9 -5.00 -3.43 0.03
CA PRO A 9 -6.35 -3.46 0.60
C PRO A 9 -6.48 -4.47 1.74
N GLN A 10 -6.06 -4.05 2.93
CA GLN A 10 -6.12 -4.92 4.10
C GLN A 10 -5.23 -6.14 3.92
N GLN A 11 -4.03 -6.09 4.50
CA GLN A 11 -3.09 -7.21 4.40
C GLN A 11 -3.74 -8.52 4.81
N PRO A 12 -3.23 -9.63 4.27
CA PRO A 12 -3.75 -10.96 4.56
C PRO A 12 -3.45 -11.41 5.98
N TYR A 13 -4.46 -11.38 6.84
CA TYR A 13 -4.30 -11.78 8.23
C TYR A 13 -3.56 -13.11 8.34
N LEU A 1 11.93 8.52 -4.11
CA LEU A 1 11.48 7.81 -5.30
C LEU A 1 10.46 6.73 -4.94
N GLY A 2 9.19 7.02 -5.19
CA GLY A 2 8.13 6.07 -4.90
C GLY A 2 6.84 6.74 -4.46
N GLN A 3 6.07 7.20 -5.44
CA GLN A 3 4.80 7.87 -5.14
C GLN A 3 4.05 7.16 -4.03
N GLN A 4 3.99 7.78 -2.86
CA GLN A 4 3.30 7.20 -1.72
C GLN A 4 1.88 6.78 -2.10
N GLN A 5 1.68 5.49 -2.28
CA GLN A 5 0.37 4.95 -2.64
C GLN A 5 -0.32 4.34 -1.43
N PRO A 6 -1.63 4.62 -1.29
CA PRO A 6 -2.43 4.11 -0.18
C PRO A 6 -2.66 2.60 -0.28
N PHE A 7 -1.99 1.84 0.58
CA PHE A 7 -2.12 0.39 0.60
C PHE A 7 -3.59 -0.02 0.59
N PRO A 8 -3.85 -1.26 0.12
CA PRO A 8 -5.21 -1.80 0.05
C PRO A 8 -5.79 -2.08 1.44
N PRO A 9 -7.10 -2.34 1.48
CA PRO A 9 -7.81 -2.63 2.73
C PRO A 9 -7.43 -4.00 3.30
N GLN A 10 -7.38 -4.07 4.63
CA GLN A 10 -7.03 -5.31 5.31
C GLN A 10 -5.62 -5.75 4.94
N GLN A 11 -4.66 -5.45 5.81
CA GLN A 11 -3.27 -5.82 5.57
C GLN A 11 -3.13 -7.31 5.29
N PRO A 12 -2.08 -7.68 4.54
CA PRO A 12 -1.82 -9.07 4.18
C PRO A 12 -1.38 -9.91 5.39
N TYR A 13 -2.16 -10.94 5.70
CA TYR A 13 -1.85 -11.80 6.83
C TYR A 13 -0.39 -12.25 6.79
N LEU A 1 6.46 15.30 -6.83
CA LEU A 1 6.37 13.85 -7.06
C LEU A 1 6.60 13.07 -5.77
N GLY A 2 6.07 11.86 -5.71
CA GLY A 2 6.23 11.04 -4.52
C GLY A 2 5.66 9.65 -4.72
N GLN A 3 6.44 8.77 -5.33
CA GLN A 3 6.00 7.39 -5.58
C GLN A 3 5.28 6.84 -4.36
N GLN A 4 3.96 6.66 -4.48
CA GLN A 4 3.16 6.13 -3.39
C GLN A 4 3.75 4.84 -2.85
N GLN A 5 3.47 4.54 -1.59
CA GLN A 5 3.97 3.32 -0.95
C GLN A 5 2.97 2.18 -1.06
N PRO A 6 3.46 0.98 -1.38
CA PRO A 6 2.63 -0.21 -1.52
C PRO A 6 2.06 -0.68 -0.18
N PHE A 7 0.84 -0.25 0.12
CA PHE A 7 0.18 -0.62 1.37
C PHE A 7 -1.32 -0.34 1.30
N PRO A 8 -2.04 -1.21 0.57
CA PRO A 8 -3.49 -1.08 0.40
C PRO A 8 -4.25 -1.38 1.69
N PRO A 9 -5.55 -1.04 1.70
CA PRO A 9 -6.41 -1.27 2.87
C PRO A 9 -6.70 -2.75 3.10
N GLN A 10 -7.22 -3.07 4.28
CA GLN A 10 -7.53 -4.46 4.63
C GLN A 10 -6.27 -5.32 4.60
N GLN A 11 -5.69 -5.54 5.77
CA GLN A 11 -4.48 -6.35 5.89
C GLN A 11 -4.67 -7.70 5.20
N PRO A 12 -3.55 -8.32 4.80
CA PRO A 12 -3.57 -9.62 4.12
C PRO A 12 -3.97 -10.76 5.07
N TYR A 13 -5.27 -10.94 5.23
CA TYR A 13 -5.79 -11.99 6.10
C TYR A 13 -5.07 -11.97 7.45
N LEU A 1 9.22 14.69 -5.60
CA LEU A 1 8.73 13.38 -6.01
C LEU A 1 8.53 12.47 -4.81
N GLY A 2 7.57 11.56 -4.91
CA GLY A 2 7.29 10.64 -3.83
C GLY A 2 6.38 9.51 -4.24
N GLN A 3 6.89 8.59 -5.04
CA GLN A 3 6.10 7.45 -5.51
C GLN A 3 5.24 6.89 -4.38
N GLN A 4 3.92 6.95 -4.57
CA GLN A 4 2.99 6.45 -3.57
C GLN A 4 3.34 5.02 -3.17
N GLN A 5 3.24 4.73 -1.87
CA GLN A 5 3.55 3.40 -1.36
C GLN A 5 2.30 2.53 -1.34
N PRO A 6 2.46 1.26 -1.75
CA PRO A 6 1.36 0.29 -1.79
C PRO A 6 0.91 -0.12 -0.40
N PHE A 7 -0.33 0.25 -0.04
CA PHE A 7 -0.88 -0.09 1.26
C PHE A 7 -2.40 0.07 1.27
N PRO A 8 -3.09 -0.89 0.63
CA PRO A 8 -4.55 -0.89 0.55
C PRO A 8 -5.22 -1.16 1.90
N PRO A 9 -6.54 -0.92 1.98
CA PRO A 9 -7.31 -1.12 3.21
C PRO A 9 -7.46 -2.61 3.55
N GLN A 10 -7.46 -2.90 4.84
CA GLN A 10 -7.60 -4.28 5.31
C GLN A 10 -6.44 -5.14 4.81
N GLN A 11 -5.45 -5.35 5.69
CA GLN A 11 -4.29 -6.16 5.33
C GLN A 11 -4.71 -7.51 4.76
N PRO A 12 -3.82 -8.12 3.97
CA PRO A 12 -4.08 -9.43 3.35
C PRO A 12 -4.09 -10.56 4.38
N TYR A 13 -5.27 -10.86 4.89
CA TYR A 13 -5.41 -11.93 5.89
C TYR A 13 -4.35 -11.79 6.98
N LEU A 1 3.26 12.28 -4.75
CA LEU A 1 2.68 11.50 -5.86
C LEU A 1 3.77 10.90 -6.72
N GLY A 2 4.37 9.80 -6.25
CA GLY A 2 5.42 9.14 -7.00
C GLY A 2 5.91 7.88 -6.32
N GLN A 3 6.92 8.01 -5.47
CA GLN A 3 7.48 6.87 -4.76
C GLN A 3 6.37 5.94 -4.27
N GLN A 4 6.36 4.72 -4.80
CA GLN A 4 5.36 3.73 -4.41
C GLN A 4 5.29 3.60 -2.89
N GLN A 5 4.10 3.80 -2.33
CA GLN A 5 3.90 3.70 -0.90
C GLN A 5 3.30 2.35 -0.52
N PRO A 6 3.82 1.75 0.56
CA PRO A 6 3.35 0.44 1.04
C PRO A 6 1.94 0.52 1.63
N PHE A 7 0.95 0.27 0.80
CA PHE A 7 -0.45 0.30 1.25
C PHE A 7 -1.36 -0.41 0.25
N PRO A 8 -1.31 -1.75 0.26
CA PRO A 8 -2.12 -2.58 -0.64
C PRO A 8 -3.60 -2.52 -0.29
N PRO A 9 -4.45 -3.04 -1.20
CA PRO A 9 -5.90 -3.07 -1.01
C PRO A 9 -6.33 -4.05 0.08
N GLN A 10 -6.39 -3.56 1.32
CA GLN A 10 -6.78 -4.40 2.44
C GLN A 10 -5.80 -5.54 2.64
N GLN A 11 -4.86 -5.37 3.57
CA GLN A 11 -3.86 -6.39 3.84
C GLN A 11 -4.51 -7.74 4.11
N PRO A 12 -3.77 -8.82 3.83
CA PRO A 12 -4.27 -10.19 4.03
C PRO A 12 -4.42 -10.55 5.51
N TYR A 13 -5.65 -10.67 5.97
CA TYR A 13 -5.93 -11.00 7.36
C TYR A 13 -5.10 -10.13 8.30
N LEU A 1 11.17 9.50 -5.33
CA LEU A 1 10.94 9.09 -6.71
C LEU A 1 9.73 8.16 -6.81
N GLY A 2 8.55 8.75 -7.02
CA GLY A 2 7.34 7.97 -7.12
C GLY A 2 6.60 7.85 -5.81
N GLN A 3 5.74 8.82 -5.53
CA GLN A 3 4.97 8.82 -4.29
C GLN A 3 4.46 7.41 -3.96
N GLN A 4 5.02 6.82 -2.91
CA GLN A 4 4.63 5.48 -2.50
C GLN A 4 3.12 5.38 -2.34
N GLN A 5 2.53 4.34 -2.92
CA GLN A 5 1.09 4.13 -2.85
C GLN A 5 0.73 3.31 -1.62
N PRO A 6 -0.35 3.72 -0.94
CA PRO A 6 -0.83 3.04 0.27
C PRO A 6 -1.43 1.66 -0.04
N PHE A 7 -1.01 0.66 0.72
CA PHE A 7 -1.51 -0.70 0.52
C PHE A 7 -3.04 -0.71 0.44
N PRO A 8 -3.58 -1.77 -0.20
CA PRO A 8 -5.03 -1.92 -0.37
C PRO A 8 -5.74 -2.22 0.95
N PRO A 9 -7.08 -2.14 0.93
CA PRO A 9 -7.90 -2.40 2.12
C PRO A 9 -7.90 -3.87 2.51
N GLN A 10 -7.97 -4.14 3.81
CA GLN A 10 -7.99 -5.50 4.31
C GLN A 10 -6.70 -6.23 3.94
N GLN A 11 -5.77 -6.30 4.89
CA GLN A 11 -4.50 -6.97 4.67
C GLN A 11 -4.61 -8.47 4.93
N PRO A 12 -3.73 -9.26 4.29
CA PRO A 12 -3.71 -10.71 4.45
C PRO A 12 -3.24 -11.15 5.84
N TYR A 13 -3.76 -12.27 6.30
CA TYR A 13 -3.40 -12.78 7.62
C TYR A 13 -3.48 -11.70 8.67
#